data_2G2F
#
_entry.id   2G2F
#
_cell.length_a   105.669
_cell.length_b   133.322
_cell.length_c   56.576
_cell.angle_alpha   90.00
_cell.angle_beta   90.00
_cell.angle_gamma   90.00
#
_symmetry.space_group_name_H-M   'P 21 21 2'
#
loop_
_entity.id
_entity.type
_entity.pdbx_description
1 polymer 'Abl Kinase'
2 polymer 'ATP-Peptide Conjugate'
3 non-polymer 'PHOSPHOTHIOPHOSPHORIC ACID-ADENYLATE ESTER'
4 non-polymer 'THIOPHOSPHORIC ACID O-((ADENOSYL-PHOSPHO)PHOSPHO)-S-ACETAMIDYL-DIESTER'
5 water water
#
loop_
_entity_poly.entity_id
_entity_poly.type
_entity_poly.pdbx_seq_one_letter_code
_entity_poly.pdbx_strand_id
1 'polypeptide(L)'
;GHMSPNYDKWEMERTDITMKHKLGGGQYGEVYEGVWKKYSLTVAVKTLKEDTMEVEEFLKEAAVMKEIKHPNLVQLLGVC
TREPPFYIITEFMTYGNLLDYLRECNRQEVNAVVLLYMATQISSAMEYLEKKNFIHRDLAARNCLVGENHLVKVADFGLS
RLMTGDTYTAPAGAKFPIKWTAPESLAYNKFSIKSDVWAFGVLLWEIATYGMSPYPGIDLSQVYELLEKDYRMERPEGCP
EKVYELMRACWQWNPSDRPSFAEIHQAFETMFQESSISDEVEKELGK
;
A,B
2 'polypeptide(L)' EAIFAAPFAKK C
#
# COMPACT_ATOMS: atom_id res chain seq x y z
N TYR A 7 28.79 25.77 -39.78
CA TYR A 7 28.93 25.78 -41.27
C TYR A 7 28.69 24.39 -41.85
N ASP A 8 28.10 24.34 -43.05
CA ASP A 8 27.79 23.09 -43.74
C ASP A 8 27.31 23.44 -45.15
N LYS A 9 27.85 22.78 -46.17
CA LYS A 9 27.44 23.08 -47.55
C LYS A 9 26.03 22.60 -47.92
N TRP A 10 25.41 21.80 -47.05
CA TRP A 10 24.06 21.30 -47.29
C TRP A 10 23.03 22.24 -46.67
N GLU A 11 23.49 23.13 -45.78
CA GLU A 11 22.59 24.05 -45.13
C GLU A 11 21.99 25.04 -46.12
N MET A 12 20.67 25.14 -46.10
CA MET A 12 19.94 26.04 -46.98
C MET A 12 18.99 26.86 -46.14
N GLU A 13 18.92 28.15 -46.41
CA GLU A 13 18.01 28.98 -45.64
C GLU A 13 16.60 28.56 -46.02
N ARG A 14 15.72 28.50 -45.04
CA ARG A 14 14.33 28.12 -45.25
C ARG A 14 13.64 28.87 -46.40
N THR A 15 14.13 30.07 -46.65
CA THR A 15 13.60 30.95 -47.69
C THR A 15 13.74 30.50 -49.15
N ASP A 16 14.75 29.68 -49.45
CA ASP A 16 14.99 29.20 -50.80
C ASP A 16 13.95 28.26 -51.39
N ILE A 17 13.13 27.67 -50.51
CA ILE A 17 12.11 26.72 -50.94
C ILE A 17 10.68 27.16 -50.66
N THR A 18 9.77 26.84 -51.59
CA THR A 18 8.36 27.14 -51.43
C THR A 18 7.62 25.80 -51.57
N MET A 19 6.59 25.63 -50.76
CA MET A 19 5.81 24.40 -50.78
C MET A 19 4.73 24.55 -51.82
N LYS A 20 4.59 23.55 -52.67
CA LYS A 20 3.58 23.60 -53.71
C LYS A 20 2.34 22.79 -53.35
N HIS A 21 2.51 21.47 -53.29
CA HIS A 21 1.41 20.56 -52.97
C HIS A 21 1.89 19.51 -51.98
N LYS A 22 1.00 19.07 -51.10
CA LYS A 22 1.36 18.01 -50.16
C LYS A 22 1.13 16.68 -50.87
N LEU A 23 2.07 15.77 -50.79
CA LEU A 23 1.94 14.48 -51.46
C LEU A 23 1.19 13.47 -50.60
N GLY A 24 1.81 13.08 -49.50
CA GLY A 24 1.19 12.14 -48.59
C GLY A 24 1.74 12.34 -47.20
N GLY A 25 0.94 12.00 -46.19
CA GLY A 25 1.40 12.13 -44.82
C GLY A 25 2.27 10.95 -44.49
N GLY A 26 2.79 10.91 -43.28
CA GLY A 26 3.64 9.79 -42.90
C GLY A 26 3.83 9.67 -41.42
N GLN A 27 3.86 8.44 -40.94
CA GLN A 27 4.07 8.19 -39.52
C GLN A 27 5.48 8.63 -39.14
N TYR A 28 6.08 9.49 -39.97
CA TYR A 28 7.43 10.00 -39.73
C TYR A 28 7.65 11.39 -40.35
N GLY A 29 6.58 12.01 -40.83
CA GLY A 29 6.70 13.33 -41.42
C GLY A 29 6.11 13.47 -42.83
N GLU A 30 5.19 14.41 -42.98
CA GLU A 30 4.55 14.66 -44.26
C GLU A 30 5.60 15.06 -45.30
N VAL A 31 5.38 14.67 -46.56
CA VAL A 31 6.31 15.03 -47.62
C VAL A 31 5.61 15.94 -48.62
N TYR A 32 6.33 16.93 -49.12
CA TYR A 32 5.77 17.90 -50.05
C TYR A 32 6.49 18.02 -51.37
N GLU A 33 5.78 18.54 -52.32
CA GLU A 33 6.34 18.88 -53.60
C GLU A 33 6.62 20.36 -53.45
N GLY A 34 7.85 20.78 -53.65
CA GLY A 34 8.15 22.18 -53.49
C GLY A 34 9.00 22.72 -54.61
N VAL A 35 9.34 24.00 -54.52
CA VAL A 35 10.15 24.64 -55.54
C VAL A 35 11.41 25.26 -54.97
N TRP A 36 12.53 25.01 -55.62
CA TRP A 36 13.81 25.59 -55.21
C TRP A 36 13.99 26.77 -56.16
N LYS A 37 13.37 27.90 -55.80
CA LYS A 37 13.37 29.12 -56.60
C LYS A 37 14.60 29.37 -57.49
N LYS A 38 15.77 29.53 -56.85
CA LYS A 38 17.02 29.79 -57.57
C LYS A 38 17.11 29.03 -58.88
N TYR A 39 16.75 27.75 -58.85
CA TYR A 39 16.84 26.94 -60.05
C TYR A 39 15.52 26.62 -60.73
N SER A 40 14.40 27.12 -60.19
CA SER A 40 13.09 26.80 -60.78
C SER A 40 13.03 25.28 -60.88
N LEU A 41 13.47 24.61 -59.81
CA LEU A 41 13.52 23.15 -59.75
C LEU A 41 12.49 22.55 -58.80
N THR A 42 11.76 21.56 -59.28
CA THR A 42 10.77 20.89 -58.46
C THR A 42 11.51 19.89 -57.55
N VAL A 43 11.30 20.01 -56.25
CA VAL A 43 11.98 19.13 -55.33
C VAL A 43 10.98 18.46 -54.39
N ALA A 44 11.48 17.56 -53.55
CA ALA A 44 10.63 16.88 -52.58
C ALA A 44 11.06 17.40 -51.22
N VAL A 45 10.12 17.82 -50.39
CA VAL A 45 10.45 18.33 -49.08
C VAL A 45 9.92 17.41 -47.98
N LYS A 46 10.85 16.92 -47.16
CA LYS A 46 10.51 16.05 -46.03
C LYS A 46 10.40 16.96 -44.81
N THR A 47 9.26 16.92 -44.14
CA THR A 47 9.03 17.76 -42.97
C THR A 47 8.75 16.94 -41.70
N LEU A 48 8.77 17.63 -40.55
CA LEU A 48 8.51 17.01 -39.25
C LEU A 48 8.22 18.10 -38.22
N LYS A 49 7.01 18.08 -37.66
CA LYS A 49 6.63 19.07 -36.62
C LYS A 49 6.84 18.36 -35.29
N GLU A 50 6.05 18.67 -34.26
CA GLU A 50 6.21 17.95 -32.99
C GLU A 50 5.50 16.63 -33.27
N ASP A 51 5.62 16.22 -34.52
CA ASP A 51 5.05 15.03 -35.12
C ASP A 51 5.40 13.69 -34.48
N THR A 52 5.78 12.74 -35.32
CA THR A 52 6.12 11.38 -34.91
C THR A 52 7.56 11.22 -34.42
N MET A 53 8.53 11.51 -35.27
CA MET A 53 9.92 11.37 -34.86
C MET A 53 10.30 12.43 -33.85
N GLU A 54 11.47 12.25 -33.27
CA GLU A 54 11.97 13.21 -32.31
C GLU A 54 13.20 13.84 -32.95
N VAL A 55 13.29 15.17 -32.88
CA VAL A 55 14.36 15.95 -33.46
C VAL A 55 15.74 15.31 -33.67
N GLU A 56 16.39 14.90 -32.58
CA GLU A 56 17.72 14.31 -32.71
C GLU A 56 17.81 13.15 -33.70
N GLU A 57 16.80 12.30 -33.72
CA GLU A 57 16.76 11.14 -34.63
C GLU A 57 16.72 11.65 -36.07
N PHE A 58 15.84 12.62 -36.32
CA PHE A 58 15.65 13.25 -37.63
C PHE A 58 16.96 13.85 -38.15
N LEU A 59 17.63 14.59 -37.27
CA LEU A 59 18.90 15.23 -37.62
C LEU A 59 19.97 14.21 -37.95
N LYS A 60 19.91 13.03 -37.31
CA LYS A 60 20.88 11.98 -37.58
C LYS A 60 20.61 11.33 -38.94
N GLU A 61 19.33 11.21 -39.29
CA GLU A 61 19.00 10.64 -40.59
C GLU A 61 19.61 11.58 -41.61
N ALA A 62 19.38 12.88 -41.42
CA ALA A 62 19.92 13.91 -42.32
C ALA A 62 21.43 13.80 -42.46
N ALA A 63 22.12 13.62 -41.33
CA ALA A 63 23.58 13.48 -41.39
C ALA A 63 23.98 12.29 -42.26
N VAL A 64 23.25 11.18 -42.14
CA VAL A 64 23.54 9.99 -42.93
C VAL A 64 23.28 10.19 -44.43
N MET A 65 22.19 10.86 -44.76
CA MET A 65 21.84 11.12 -46.15
C MET A 65 22.92 11.94 -46.89
N LYS A 66 23.63 12.80 -46.16
CA LYS A 66 24.66 13.62 -46.78
C LYS A 66 25.86 12.78 -47.23
N GLU A 67 25.98 11.58 -46.68
CA GLU A 67 27.11 10.69 -46.99
C GLU A 67 26.91 9.70 -48.12
N ILE A 68 25.71 9.63 -48.69
CA ILE A 68 25.50 8.68 -49.76
C ILE A 68 25.31 9.33 -51.11
N LYS A 69 25.75 8.64 -52.14
CA LYS A 69 25.63 9.12 -53.50
C LYS A 69 25.68 7.89 -54.40
N HIS A 70 24.59 7.62 -55.11
CA HIS A 70 24.52 6.47 -56.03
C HIS A 70 23.39 6.72 -57.01
N PRO A 71 23.58 6.34 -58.27
CA PRO A 71 22.49 6.59 -59.21
C PRO A 71 21.14 5.96 -58.83
N ASN A 72 21.13 4.96 -57.98
CA ASN A 72 19.86 4.35 -57.63
C ASN A 72 19.38 4.62 -56.22
N LEU A 73 19.89 5.70 -55.64
CA LEU A 73 19.46 6.11 -54.31
C LEU A 73 18.99 7.56 -54.49
N VAL A 74 17.79 7.87 -53.99
CA VAL A 74 17.27 9.22 -54.11
C VAL A 74 18.35 10.16 -53.57
N GLN A 75 18.62 11.23 -54.33
CA GLN A 75 19.66 12.18 -53.99
C GLN A 75 19.22 13.33 -53.08
N LEU A 76 20.02 13.59 -52.04
CA LEU A 76 19.76 14.70 -51.11
C LEU A 76 20.21 15.99 -51.78
N LEU A 77 19.42 17.05 -51.64
CA LEU A 77 19.79 18.32 -52.27
C LEU A 77 20.21 19.39 -51.28
N GLY A 78 19.69 19.32 -50.05
CA GLY A 78 20.05 20.30 -49.05
C GLY A 78 19.26 20.08 -47.79
N VAL A 79 19.57 20.84 -46.74
CA VAL A 79 18.86 20.68 -45.48
C VAL A 79 18.67 21.99 -44.72
N CYS A 80 17.70 21.97 -43.81
CA CYS A 80 17.39 23.11 -42.95
C CYS A 80 17.28 22.51 -41.56
N THR A 81 18.43 22.40 -40.90
CA THR A 81 18.51 21.80 -39.58
C THR A 81 18.85 22.76 -38.44
N ARG A 82 19.13 24.02 -38.77
CA ARG A 82 19.46 25.01 -37.75
C ARG A 82 18.28 25.40 -36.85
N GLU A 83 17.13 25.72 -37.43
CA GLU A 83 15.97 26.12 -36.64
C GLU A 83 14.68 25.51 -37.17
N PRO A 84 13.73 25.19 -36.27
CA PRO A 84 12.44 24.60 -36.66
C PRO A 84 11.69 25.56 -37.58
N PRO A 85 10.92 25.03 -38.55
CA PRO A 85 10.70 23.63 -38.86
C PRO A 85 11.91 23.07 -39.58
N PHE A 86 12.14 21.76 -39.44
CA PHE A 86 13.28 21.13 -40.08
C PHE A 86 12.89 20.58 -41.45
N TYR A 87 13.81 20.71 -42.40
CA TYR A 87 13.57 20.29 -43.78
C TYR A 87 14.67 19.42 -44.36
N ILE A 88 14.27 18.41 -45.13
CA ILE A 88 15.19 17.54 -45.84
C ILE A 88 14.69 17.65 -47.26
N ILE A 89 15.51 18.20 -48.15
CA ILE A 89 15.13 18.37 -49.55
C ILE A 89 15.78 17.33 -50.47
N THR A 90 14.99 16.67 -51.29
CA THR A 90 15.52 15.66 -52.21
C THR A 90 14.97 15.84 -53.62
N GLU A 91 15.58 15.14 -54.56
CA GLU A 91 15.12 15.21 -55.94
C GLU A 91 13.69 14.68 -55.95
N PHE A 92 12.92 15.10 -56.96
CA PHE A 92 11.54 14.68 -57.09
C PHE A 92 11.41 13.60 -58.14
N MET A 93 10.84 12.46 -57.75
CA MET A 93 10.61 11.34 -58.64
C MET A 93 9.22 11.56 -59.20
N THR A 94 9.13 11.84 -60.50
CA THR A 94 7.84 12.14 -61.13
C THR A 94 6.75 11.08 -61.14
N TYR A 95 7.12 9.80 -61.16
CA TYR A 95 6.08 8.77 -61.18
C TYR A 95 5.72 8.12 -59.86
N GLY A 96 6.12 8.72 -58.75
CA GLY A 96 5.77 8.18 -57.46
C GLY A 96 6.38 6.85 -57.13
N ASN A 97 5.79 6.15 -56.17
CA ASN A 97 6.30 4.86 -55.75
C ASN A 97 6.01 3.69 -56.69
N LEU A 98 6.94 2.75 -56.69
CA LEU A 98 6.89 1.57 -57.52
C LEU A 98 5.64 0.71 -57.35
N LEU A 99 5.13 0.61 -56.13
CA LEU A 99 3.94 -0.20 -55.87
C LEU A 99 2.75 0.29 -56.68
N ASP A 100 2.47 1.59 -56.61
CA ASP A 100 1.34 2.13 -57.35
C ASP A 100 1.60 2.17 -58.86
N TYR A 101 2.86 2.37 -59.24
CA TYR A 101 3.23 2.40 -60.64
C TYR A 101 2.90 1.06 -61.29
N LEU A 102 3.44 -0.03 -60.71
CA LEU A 102 3.18 -1.39 -61.20
C LEU A 102 1.69 -1.71 -61.30
N ARG A 103 0.89 -1.25 -60.33
CA ARG A 103 -0.54 -1.52 -60.34
C ARG A 103 -1.36 -0.84 -61.43
N GLU A 104 -0.98 0.36 -61.83
CA GLU A 104 -1.74 1.07 -62.83
C GLU A 104 -1.06 1.19 -64.18
N CYS A 105 0.07 0.51 -64.35
CA CYS A 105 0.82 0.61 -65.59
C CYS A 105 0.23 -0.11 -66.76
N ASN A 106 0.82 0.16 -67.88
CA ASN A 106 0.49 -0.47 -69.15
C ASN A 106 1.45 -1.66 -69.18
N ARG A 107 0.94 -2.88 -69.05
CA ARG A 107 1.82 -4.04 -69.03
C ARG A 107 2.53 -4.35 -70.36
N GLN A 108 2.06 -3.75 -71.45
CA GLN A 108 2.73 -3.95 -72.72
C GLN A 108 4.01 -3.10 -72.65
N GLU A 109 3.92 -1.90 -72.10
CA GLU A 109 5.10 -1.07 -71.97
C GLU A 109 5.98 -1.64 -70.85
N VAL A 110 5.39 -1.85 -69.68
CA VAL A 110 6.15 -2.39 -68.54
C VAL A 110 6.19 -3.92 -68.67
N ASN A 111 6.88 -4.36 -69.70
CA ASN A 111 7.03 -5.77 -70.08
C ASN A 111 8.00 -6.52 -69.19
N ALA A 112 8.32 -7.75 -69.58
CA ALA A 112 9.22 -8.59 -68.81
C ALA A 112 10.65 -8.11 -68.69
N VAL A 113 11.18 -7.45 -69.73
CA VAL A 113 12.56 -6.97 -69.67
C VAL A 113 12.65 -5.72 -68.77
N VAL A 114 11.53 -5.00 -68.67
CA VAL A 114 11.49 -3.81 -67.85
C VAL A 114 11.45 -4.19 -66.37
N LEU A 115 10.82 -5.31 -66.06
CA LEU A 115 10.76 -5.74 -64.66
C LEU A 115 12.17 -6.19 -64.21
N LEU A 116 12.89 -6.85 -65.12
CA LEU A 116 14.24 -7.33 -64.86
C LEU A 116 15.17 -6.12 -64.69
N TYR A 117 14.97 -5.12 -65.54
CA TYR A 117 15.76 -3.89 -65.49
C TYR A 117 15.54 -3.22 -64.12
N MET A 118 14.29 -3.14 -63.68
CA MET A 118 14.00 -2.53 -62.39
C MET A 118 14.66 -3.30 -61.23
N ALA A 119 14.62 -4.62 -61.27
CA ALA A 119 15.26 -5.41 -60.22
C ALA A 119 16.77 -5.13 -60.20
N THR A 120 17.37 -5.03 -61.39
CA THR A 120 18.79 -4.75 -61.48
C THR A 120 19.18 -3.42 -60.84
N GLN A 121 18.36 -2.39 -60.99
CA GLN A 121 18.64 -1.08 -60.42
C GLN A 121 18.57 -1.10 -58.90
N ILE A 122 17.64 -1.88 -58.36
CA ILE A 122 17.49 -1.97 -56.91
C ILE A 122 18.67 -2.74 -56.33
N SER A 123 18.94 -3.94 -56.86
CA SER A 123 20.08 -4.70 -56.34
C SER A 123 21.33 -3.86 -56.39
N SER A 124 21.47 -3.04 -57.44
CA SER A 124 22.63 -2.19 -57.58
C SER A 124 22.78 -1.26 -56.36
N ALA A 125 21.69 -0.61 -55.98
CA ALA A 125 21.68 0.30 -54.84
C ALA A 125 22.00 -0.45 -53.54
N MET A 126 21.39 -1.62 -53.38
CA MET A 126 21.62 -2.38 -52.16
C MET A 126 23.05 -2.90 -52.06
N GLU A 127 23.64 -3.30 -53.18
CA GLU A 127 25.02 -3.78 -53.15
C GLU A 127 25.91 -2.69 -52.58
N TYR A 128 25.73 -1.47 -53.10
CA TYR A 128 26.48 -0.29 -52.68
C TYR A 128 26.24 0.03 -51.21
N LEU A 129 25.01 -0.11 -50.76
CA LEU A 129 24.64 0.16 -49.38
C LEU A 129 25.30 -0.86 -48.44
N GLU A 130 25.62 -2.01 -49.00
CA GLU A 130 26.24 -3.10 -48.26
C GLU A 130 27.71 -2.80 -48.01
N LYS A 131 28.35 -2.13 -48.97
CA LYS A 131 29.76 -1.76 -48.85
C LYS A 131 29.93 -0.60 -47.88
N LYS A 132 29.26 0.50 -48.17
CA LYS A 132 29.34 1.69 -47.32
C LYS A 132 28.79 1.49 -45.92
N ASN A 133 28.63 0.22 -45.52
CA ASN A 133 28.11 -0.11 -44.19
C ASN A 133 26.78 0.52 -43.82
N PHE A 134 25.77 0.34 -44.67
CA PHE A 134 24.43 0.86 -44.43
C PHE A 134 23.38 -0.24 -44.49
N ILE A 135 22.20 0.08 -43.97
CA ILE A 135 21.02 -0.81 -43.98
C ILE A 135 19.78 0.05 -44.22
N HIS A 136 18.81 -0.50 -44.93
CA HIS A 136 17.56 0.21 -45.19
C HIS A 136 16.52 -0.39 -44.24
N ARG A 137 15.92 0.44 -43.40
CA ARG A 137 14.92 -0.05 -42.44
C ARG A 137 13.67 -0.71 -43.04
N ASP A 138 13.29 -0.33 -44.27
CA ASP A 138 12.10 -0.91 -44.89
C ASP A 138 12.17 -1.07 -46.42
N LEU A 139 12.87 -2.11 -46.87
CA LEU A 139 12.98 -2.37 -48.29
C LEU A 139 11.68 -3.02 -48.75
N ALA A 140 10.93 -2.28 -49.55
CA ALA A 140 9.65 -2.70 -50.06
C ALA A 140 9.30 -1.78 -51.23
N ALA A 141 8.42 -2.25 -52.10
CA ALA A 141 8.02 -1.48 -53.26
C ALA A 141 7.46 -0.11 -52.93
N ARG A 142 6.81 0.03 -51.78
CA ARG A 142 6.24 1.32 -51.39
C ARG A 142 7.33 2.36 -51.11
N ASN A 143 8.57 1.89 -50.95
CA ASN A 143 9.69 2.79 -50.70
C ASN A 143 10.68 2.84 -51.85
N CYS A 144 10.20 2.57 -53.05
CA CYS A 144 11.02 2.67 -54.25
C CYS A 144 10.28 3.72 -55.07
N LEU A 145 11.01 4.70 -55.59
CA LEU A 145 10.40 5.76 -56.39
C LEU A 145 10.72 5.54 -57.84
N VAL A 146 9.86 6.03 -58.72
CA VAL A 146 10.12 5.87 -60.15
C VAL A 146 10.20 7.19 -60.91
N GLY A 147 11.16 7.25 -61.84
CA GLY A 147 11.33 8.45 -62.64
C GLY A 147 11.09 8.13 -64.10
N GLU A 148 11.46 9.06 -65.00
CA GLU A 148 11.26 8.84 -66.42
C GLU A 148 12.04 7.62 -66.89
N ASN A 149 11.49 6.95 -67.91
CA ASN A 149 12.12 5.79 -68.52
C ASN A 149 12.40 4.61 -67.62
N HIS A 150 11.43 4.27 -66.78
CA HIS A 150 11.60 3.13 -65.89
C HIS A 150 12.78 3.25 -64.95
N LEU A 151 13.17 4.47 -64.63
CA LEU A 151 14.28 4.70 -63.69
C LEU A 151 13.74 4.47 -62.27
N VAL A 152 14.37 3.56 -61.53
CA VAL A 152 13.94 3.29 -60.17
C VAL A 152 15.05 3.61 -59.19
N LYS A 153 14.68 4.21 -58.07
CA LYS A 153 15.63 4.58 -57.01
C LYS A 153 15.06 4.17 -55.66
N VAL A 154 15.94 3.88 -54.70
CA VAL A 154 15.49 3.52 -53.37
C VAL A 154 15.45 4.79 -52.52
N ALA A 155 14.40 4.93 -51.74
CA ALA A 155 14.24 6.08 -50.85
C ALA A 155 15.38 6.06 -49.85
N ASP A 156 16.09 7.17 -49.73
CA ASP A 156 17.24 7.23 -48.81
C ASP A 156 16.93 7.61 -47.35
N PHE A 157 15.76 8.14 -47.08
CA PHE A 157 15.40 8.53 -45.71
C PHE A 157 15.32 7.37 -44.72
N GLY A 158 15.38 6.14 -45.23
CA GLY A 158 15.30 4.98 -44.37
C GLY A 158 16.63 4.28 -44.11
N LEU A 159 17.74 4.95 -44.43
CA LEU A 159 19.09 4.40 -44.22
C LEU A 159 19.58 4.55 -42.79
N SER A 160 20.36 3.57 -42.33
CA SER A 160 20.92 3.61 -40.99
C SER A 160 22.35 3.12 -41.04
N ARG A 161 23.10 3.40 -39.99
CA ARG A 161 24.49 2.99 -39.91
C ARG A 161 24.56 1.63 -39.23
N LEU A 162 25.34 0.73 -39.80
CA LEU A 162 25.50 -0.59 -39.24
C LEU A 162 26.61 -1.24 -40.03
N MET A 163 27.73 -1.49 -39.37
CA MET A 163 28.85 -2.12 -40.04
C MET A 163 28.32 -3.41 -40.63
N THR A 164 28.38 -3.49 -41.96
CA THR A 164 27.89 -4.66 -42.68
C THR A 164 28.43 -5.95 -42.07
N GLY A 165 27.51 -6.75 -41.54
CA GLY A 165 27.88 -8.00 -40.92
C GLY A 165 27.35 -8.03 -39.49
N ASP A 166 27.26 -6.85 -38.86
CA ASP A 166 26.76 -6.79 -37.48
C ASP A 166 25.25 -6.80 -37.41
N THR A 167 24.76 -6.98 -36.19
CA THR A 167 23.32 -7.07 -35.94
C THR A 167 22.79 -5.97 -35.06
N TYR A 168 21.59 -5.53 -35.36
CA TYR A 168 20.92 -4.48 -34.60
C TYR A 168 19.75 -5.09 -33.82
N THR A 169 19.50 -4.60 -32.61
CA THR A 169 18.38 -5.10 -31.83
C THR A 169 17.43 -3.95 -31.54
N ALA A 170 16.23 -4.04 -32.10
CA ALA A 170 15.22 -3.01 -31.93
C ALA A 170 14.54 -3.08 -30.58
N PRO A 171 13.96 -1.95 -30.13
CA PRO A 171 13.27 -1.92 -28.85
C PRO A 171 12.15 -2.95 -28.80
N ALA A 172 11.64 -3.20 -27.60
CA ALA A 172 10.56 -4.17 -27.43
C ALA A 172 9.20 -3.53 -27.69
N GLY A 173 8.30 -4.29 -28.30
CA GLY A 173 6.96 -3.80 -28.61
C GLY A 173 6.88 -3.00 -29.90
N ALA A 174 8.01 -2.79 -30.56
CA ALA A 174 8.05 -2.05 -31.81
C ALA A 174 7.32 -2.79 -32.94
N LYS A 175 6.78 -2.04 -33.89
CA LYS A 175 6.06 -2.62 -35.01
C LYS A 175 6.93 -2.76 -36.26
N PHE A 176 6.68 -3.82 -37.02
CA PHE A 176 7.42 -4.09 -38.24
C PHE A 176 6.46 -4.41 -39.36
N PRO A 177 6.87 -4.17 -40.62
CA PRO A 177 5.95 -4.49 -41.71
C PRO A 177 6.08 -6.02 -41.83
N ILE A 178 5.28 -6.73 -41.04
CA ILE A 178 5.30 -8.19 -40.95
C ILE A 178 5.62 -9.05 -42.19
N LYS A 179 4.85 -8.90 -43.25
CA LYS A 179 5.05 -9.68 -44.47
C LYS A 179 6.34 -9.44 -45.23
N TRP A 180 7.15 -8.49 -44.78
CA TRP A 180 8.42 -8.21 -45.45
C TRP A 180 9.60 -8.46 -44.51
N THR A 181 9.28 -8.80 -43.27
CA THR A 181 10.30 -9.01 -42.23
C THR A 181 10.87 -10.44 -42.14
N ALA A 182 12.19 -10.52 -42.00
CA ALA A 182 12.90 -11.79 -41.88
C ALA A 182 12.54 -12.47 -40.56
N PRO A 183 12.79 -13.79 -40.46
CA PRO A 183 12.49 -14.58 -39.26
C PRO A 183 13.23 -14.11 -38.01
N GLU A 184 14.52 -13.79 -38.16
CA GLU A 184 15.30 -13.32 -37.00
C GLU A 184 14.72 -12.02 -36.40
N SER A 185 14.04 -11.22 -37.22
CA SER A 185 13.46 -9.97 -36.72
C SER A 185 12.10 -10.21 -36.05
N LEU A 186 11.32 -11.14 -36.57
CA LEU A 186 10.01 -11.39 -36.00
C LEU A 186 10.16 -12.04 -34.63
N ALA A 187 11.05 -13.03 -34.56
CA ALA A 187 11.26 -13.75 -33.31
C ALA A 187 12.10 -13.03 -32.27
N TYR A 188 13.19 -12.38 -32.69
CA TYR A 188 14.06 -11.71 -31.73
C TYR A 188 14.36 -10.24 -31.95
N ASN A 189 13.64 -9.56 -32.83
CA ASN A 189 13.88 -8.14 -33.08
C ASN A 189 15.32 -7.85 -33.53
N LYS A 190 15.89 -8.75 -34.33
CA LYS A 190 17.26 -8.55 -34.84
C LYS A 190 17.30 -8.20 -36.33
N PHE A 191 18.19 -7.29 -36.72
CA PHE A 191 18.29 -6.90 -38.11
C PHE A 191 19.73 -6.87 -38.60
N SER A 192 19.92 -7.09 -39.89
CA SER A 192 21.24 -7.09 -40.46
C SER A 192 21.06 -6.89 -41.96
N ILE A 193 22.14 -6.69 -42.70
CA ILE A 193 22.02 -6.52 -44.14
C ILE A 193 21.28 -7.77 -44.67
N LYS A 194 21.36 -8.89 -43.95
CA LYS A 194 20.67 -10.12 -44.37
C LYS A 194 19.16 -9.99 -44.24
N SER A 195 18.71 -9.17 -43.30
CA SER A 195 17.29 -8.93 -43.15
C SER A 195 16.85 -8.17 -44.41
N ASP A 196 17.72 -7.31 -44.93
CA ASP A 196 17.38 -6.57 -46.13
C ASP A 196 17.29 -7.54 -47.29
N VAL A 197 18.16 -8.55 -47.31
CA VAL A 197 18.14 -9.54 -48.39
C VAL A 197 16.79 -10.25 -48.42
N TRP A 198 16.27 -10.58 -47.23
CA TRP A 198 14.98 -11.23 -47.15
C TRP A 198 13.88 -10.33 -47.72
N ALA A 199 13.91 -9.04 -47.36
CA ALA A 199 12.91 -8.10 -47.85
C ALA A 199 13.01 -7.96 -49.37
N PHE A 200 14.23 -8.03 -49.91
CA PHE A 200 14.45 -7.93 -51.35
C PHE A 200 13.69 -9.05 -52.05
N GLY A 201 13.72 -10.24 -51.46
CA GLY A 201 13.02 -11.38 -52.03
C GLY A 201 11.54 -11.07 -52.12
N VAL A 202 10.98 -10.43 -51.09
CA VAL A 202 9.57 -10.10 -51.11
C VAL A 202 9.33 -8.99 -52.14
N LEU A 203 10.29 -8.08 -52.28
CA LEU A 203 10.15 -7.02 -53.25
C LEU A 203 10.11 -7.63 -54.65
N LEU A 204 10.94 -8.66 -54.89
CA LEU A 204 10.95 -9.32 -56.19
C LEU A 204 9.59 -9.90 -56.50
N TRP A 205 8.92 -10.41 -55.47
CA TRP A 205 7.57 -10.96 -55.61
C TRP A 205 6.54 -9.87 -55.92
N GLU A 206 6.64 -8.70 -55.28
CA GLU A 206 5.68 -7.64 -55.56
C GLU A 206 5.84 -7.23 -57.03
N ILE A 207 7.10 -7.17 -57.48
CA ILE A 207 7.41 -6.83 -58.86
C ILE A 207 6.87 -7.88 -59.84
N ALA A 208 7.15 -9.16 -59.59
CA ALA A 208 6.68 -10.19 -60.50
C ALA A 208 5.17 -10.27 -60.58
N THR A 209 4.46 -9.80 -59.55
CA THR A 209 2.99 -9.84 -59.54
C THR A 209 2.37 -8.47 -59.82
N TYR A 210 3.19 -7.49 -60.21
CA TYR A 210 2.71 -6.13 -60.48
C TYR A 210 2.02 -5.46 -59.29
N GLY A 211 2.58 -5.63 -58.10
CA GLY A 211 2.01 -4.97 -56.95
C GLY A 211 0.99 -5.72 -56.11
N MET A 212 0.94 -7.05 -56.22
CA MET A 212 0.02 -7.82 -55.40
C MET A 212 0.53 -7.83 -53.97
N SER A 213 -0.35 -8.02 -53.00
CA SER A 213 0.05 -8.06 -51.59
C SER A 213 0.63 -9.41 -51.21
N PRO A 214 1.72 -9.41 -50.44
CA PRO A 214 2.35 -10.68 -50.02
C PRO A 214 1.40 -11.60 -49.24
N TYR A 215 1.66 -12.91 -49.30
CA TYR A 215 0.86 -13.94 -48.63
C TYR A 215 -0.62 -13.62 -48.58
N PRO A 216 -1.24 -13.50 -49.76
CA PRO A 216 -2.67 -13.18 -49.91
C PRO A 216 -3.59 -13.98 -48.98
N GLY A 217 -4.41 -13.27 -48.22
CA GLY A 217 -5.33 -13.94 -47.33
C GLY A 217 -4.74 -14.49 -46.05
N ILE A 218 -3.42 -14.49 -45.93
CA ILE A 218 -2.79 -14.99 -44.71
C ILE A 218 -2.74 -13.82 -43.72
N ASP A 219 -3.40 -13.99 -42.58
CA ASP A 219 -3.44 -12.98 -41.52
C ASP A 219 -2.05 -12.76 -40.92
N LEU A 220 -1.74 -11.51 -40.56
CA LEU A 220 -0.43 -11.20 -39.98
C LEU A 220 0.01 -12.12 -38.85
N SER A 221 -0.93 -12.51 -38.00
CA SER A 221 -0.61 -13.37 -36.87
C SER A 221 -0.16 -14.77 -37.26
N GLN A 222 -0.54 -15.25 -38.43
CA GLN A 222 -0.17 -16.60 -38.84
C GLN A 222 1.10 -16.72 -39.70
N VAL A 223 1.66 -15.59 -40.14
CA VAL A 223 2.85 -15.60 -41.00
C VAL A 223 4.08 -16.28 -40.41
N TYR A 224 4.50 -15.86 -39.23
CA TYR A 224 5.67 -16.48 -38.61
C TYR A 224 5.53 -18.01 -38.46
N GLU A 225 4.43 -18.48 -37.90
CA GLU A 225 4.22 -19.93 -37.75
C GLU A 225 4.38 -20.67 -39.10
N LEU A 226 3.83 -20.10 -40.17
CA LEU A 226 3.95 -20.70 -41.50
C LEU A 226 5.42 -20.74 -41.94
N LEU A 227 6.12 -19.60 -41.84
CA LEU A 227 7.52 -19.53 -42.22
C LEU A 227 8.36 -20.58 -41.51
N GLU A 228 8.03 -20.80 -40.24
CA GLU A 228 8.73 -21.76 -39.39
C GLU A 228 8.61 -23.17 -39.95
N LYS A 229 7.39 -23.58 -40.23
CA LYS A 229 7.14 -24.91 -40.77
C LYS A 229 7.54 -25.06 -42.23
N ASP A 230 8.29 -24.07 -42.72
CA ASP A 230 8.83 -24.04 -44.07
C ASP A 230 7.94 -23.64 -45.26
N TYR A 231 6.90 -22.85 -45.01
CA TYR A 231 6.03 -22.39 -46.08
C TYR A 231 6.67 -21.18 -46.75
N ARG A 232 6.46 -21.02 -48.05
CA ARG A 232 7.01 -19.88 -48.79
C ARG A 232 6.07 -19.59 -49.95
N MET A 233 5.93 -18.32 -50.33
CA MET A 233 5.06 -17.97 -51.43
C MET A 233 5.42 -18.76 -52.69
N GLU A 234 4.41 -19.22 -53.43
CA GLU A 234 4.64 -19.97 -54.67
C GLU A 234 5.13 -19.07 -55.82
N ARG A 235 5.78 -19.68 -56.79
CA ARG A 235 6.28 -18.95 -57.94
C ARG A 235 5.16 -18.27 -58.69
N PRO A 236 5.22 -16.94 -58.84
CA PRO A 236 4.18 -16.22 -59.55
C PRO A 236 4.06 -16.61 -60.99
N GLU A 237 2.85 -16.42 -61.52
CA GLU A 237 2.49 -16.69 -62.91
C GLU A 237 3.35 -15.84 -63.87
N GLY A 238 4.05 -16.50 -64.78
CA GLY A 238 4.88 -15.76 -65.73
C GLY A 238 6.29 -15.43 -65.24
N CYS A 239 6.54 -15.65 -63.95
CA CYS A 239 7.84 -15.38 -63.37
C CYS A 239 8.92 -16.39 -63.79
N PRO A 240 10.01 -15.91 -64.38
CA PRO A 240 11.09 -16.81 -64.81
C PRO A 240 11.62 -17.63 -63.64
N GLU A 241 11.95 -18.88 -63.90
CA GLU A 241 12.44 -19.79 -62.86
C GLU A 241 13.72 -19.32 -62.15
N LYS A 242 14.65 -18.76 -62.92
CA LYS A 242 15.90 -18.30 -62.33
C LYS A 242 15.66 -17.20 -61.30
N VAL A 243 14.71 -16.32 -61.61
CA VAL A 243 14.38 -15.22 -60.70
C VAL A 243 13.73 -15.80 -59.45
N TYR A 244 12.96 -16.87 -59.61
CA TYR A 244 12.31 -17.51 -58.48
C TYR A 244 13.32 -18.21 -57.57
N GLU A 245 14.42 -18.66 -58.14
CA GLU A 245 15.42 -19.33 -57.33
C GLU A 245 16.13 -18.36 -56.41
N LEU A 246 16.39 -17.16 -56.92
CA LEU A 246 17.04 -16.10 -56.16
C LEU A 246 16.06 -15.70 -55.06
N MET A 247 14.81 -15.52 -55.47
CA MET A 247 13.74 -15.17 -54.57
C MET A 247 13.75 -16.18 -53.42
N ARG A 248 14.00 -17.44 -53.77
CA ARG A 248 14.04 -18.50 -52.76
C ARG A 248 15.31 -18.53 -51.93
N ALA A 249 16.42 -18.13 -52.53
CA ALA A 249 17.69 -18.08 -51.83
C ALA A 249 17.63 -16.95 -50.81
N CYS A 250 16.83 -15.91 -51.11
CA CYS A 250 16.64 -14.77 -50.22
C CYS A 250 15.82 -15.11 -48.98
N TRP A 251 14.98 -16.14 -49.08
CA TRP A 251 14.15 -16.53 -47.94
C TRP A 251 14.69 -17.74 -47.18
N GLN A 252 15.97 -18.02 -47.30
CA GLN A 252 16.55 -19.11 -46.54
C GLN A 252 16.37 -18.72 -45.09
N TRP A 253 15.86 -19.65 -44.28
CA TRP A 253 15.61 -19.38 -42.86
C TRP A 253 16.84 -18.86 -42.11
N ASN A 254 18.02 -19.32 -42.50
CA ASN A 254 19.27 -18.94 -41.86
C ASN A 254 20.04 -17.81 -42.59
N PRO A 255 20.12 -16.64 -41.95
CA PRO A 255 20.78 -15.42 -42.43
C PRO A 255 22.04 -15.63 -43.25
N SER A 256 23.02 -16.33 -42.68
CA SER A 256 24.27 -16.57 -43.38
C SER A 256 24.13 -17.46 -44.60
N ASP A 257 22.92 -17.89 -44.93
CA ASP A 257 22.72 -18.73 -46.10
C ASP A 257 22.19 -17.94 -47.29
N ARG A 258 21.69 -16.74 -47.02
CA ARG A 258 21.15 -15.88 -48.05
C ARG A 258 22.31 -15.23 -48.77
N PRO A 259 22.23 -15.10 -50.09
CA PRO A 259 23.35 -14.48 -50.80
C PRO A 259 23.55 -13.02 -50.41
N SER A 260 24.65 -12.46 -50.87
CA SER A 260 25.00 -11.08 -50.64
C SER A 260 24.37 -10.30 -51.78
N PHE A 261 24.30 -8.98 -51.64
CA PHE A 261 23.75 -8.13 -52.69
C PHE A 261 24.76 -8.05 -53.84
N ALA A 262 26.01 -8.38 -53.53
CA ALA A 262 27.05 -8.36 -54.55
C ALA A 262 26.79 -9.52 -55.52
N GLU A 263 26.31 -10.64 -55.00
CA GLU A 263 26.02 -11.80 -55.83
C GLU A 263 24.71 -11.56 -56.60
N ILE A 264 23.72 -11.04 -55.89
CA ILE A 264 22.40 -10.75 -56.46
C ILE A 264 22.45 -9.73 -57.59
N HIS A 265 23.31 -8.72 -57.47
CA HIS A 265 23.41 -7.72 -58.52
C HIS A 265 24.08 -8.31 -59.74
N GLN A 266 25.00 -9.25 -59.48
CA GLN A 266 25.73 -9.93 -60.54
C GLN A 266 24.73 -10.77 -61.31
N ALA A 267 23.87 -11.47 -60.59
CA ALA A 267 22.87 -12.33 -61.21
C ALA A 267 21.95 -11.56 -62.15
N PHE A 268 21.31 -10.51 -61.64
CA PHE A 268 20.40 -9.71 -62.44
C PHE A 268 21.10 -9.01 -63.59
N GLU A 269 22.33 -8.56 -63.36
CA GLU A 269 23.10 -7.91 -64.42
C GLU A 269 23.12 -8.86 -65.62
N THR A 270 23.48 -10.12 -65.34
CA THR A 270 23.57 -11.17 -66.36
C THR A 270 22.27 -11.43 -67.10
N MET A 271 21.17 -11.50 -66.34
CA MET A 271 19.88 -11.77 -66.96
C MET A 271 19.40 -10.57 -67.76
N PHE A 272 19.73 -9.37 -67.32
CA PHE A 272 19.26 -8.21 -68.06
C PHE A 272 19.97 -8.05 -69.38
N GLN A 273 21.27 -8.34 -69.42
CA GLN A 273 21.99 -8.20 -70.68
C GLN A 273 21.56 -9.31 -71.64
N GLU A 274 21.67 -10.57 -71.21
CA GLU A 274 21.30 -11.68 -72.08
C GLU A 274 19.83 -11.59 -72.47
N SER A 275 19.09 -10.69 -71.83
CA SER A 275 17.68 -10.51 -72.15
C SER A 275 17.55 -9.39 -73.17
N SER A 276 18.52 -8.48 -73.17
CA SER A 276 18.53 -7.36 -74.10
C SER A 276 19.05 -7.87 -75.45
N ILE A 277 19.81 -8.96 -75.42
CA ILE A 277 20.36 -9.54 -76.63
C ILE A 277 19.29 -10.32 -77.39
N SER A 278 18.72 -11.33 -76.74
CA SER A 278 17.69 -12.13 -77.41
C SER A 278 16.59 -11.19 -77.90
N ASP A 279 16.49 -10.03 -77.27
CA ASP A 279 15.50 -9.02 -77.64
C ASP A 279 15.85 -8.41 -78.99
N GLU A 280 16.85 -7.54 -78.99
CA GLU A 280 17.30 -6.86 -80.21
C GLU A 280 17.61 -7.84 -81.35
N VAL A 281 17.61 -9.13 -81.04
CA VAL A 281 17.88 -10.16 -82.04
C VAL A 281 16.58 -10.62 -82.69
N LYS B 9 5.65 -10.68 69.33
CA LYS B 9 6.49 -10.18 68.19
C LYS B 9 6.13 -8.75 67.82
N TRP B 10 4.83 -8.47 67.78
CA TRP B 10 4.35 -7.15 67.40
C TRP B 10 4.81 -5.98 68.25
N GLU B 11 4.61 -6.06 69.56
CA GLU B 11 5.01 -4.97 70.45
C GLU B 11 6.30 -4.31 70.00
N MET B 12 6.32 -2.97 70.01
CA MET B 12 7.50 -2.21 69.61
C MET B 12 7.86 -1.16 70.66
N GLU B 13 8.55 -0.11 70.21
CA GLU B 13 8.96 0.99 71.08
C GLU B 13 8.65 2.29 70.37
N ARG B 14 8.12 3.27 71.12
CA ARG B 14 7.77 4.56 70.54
C ARG B 14 8.99 5.45 70.30
N THR B 15 10.16 4.83 70.20
CA THR B 15 11.41 5.56 69.97
C THR B 15 11.75 5.51 68.48
N ASP B 16 11.51 4.37 67.86
CA ASP B 16 11.79 4.18 66.44
C ASP B 16 10.90 5.07 65.58
N ILE B 17 9.67 5.27 66.03
CA ILE B 17 8.70 6.09 65.32
C ILE B 17 8.89 7.57 65.61
N THR B 18 8.58 8.40 64.63
CA THR B 18 8.71 9.85 64.76
C THR B 18 7.49 10.55 64.17
N MET B 19 6.61 11.05 65.04
CA MET B 19 5.40 11.73 64.60
C MET B 19 5.80 12.95 63.76
N LYS B 20 4.98 13.30 62.76
CA LYS B 20 5.30 14.42 61.89
C LYS B 20 4.11 15.26 61.43
N HIS B 21 2.96 14.61 61.22
CA HIS B 21 1.78 15.33 60.75
C HIS B 21 0.52 14.64 61.27
N LYS B 22 -0.54 15.40 61.49
CA LYS B 22 -1.79 14.83 61.96
C LYS B 22 -2.81 14.73 60.82
N LEU B 23 -3.36 13.54 60.62
CA LEU B 23 -4.33 13.31 59.56
C LEU B 23 -5.67 12.85 60.14
N GLY B 29 -9.12 6.83 67.82
CA GLY B 29 -8.56 8.08 68.31
C GLY B 29 -7.96 8.94 67.21
N GLU B 30 -7.02 9.80 67.58
CA GLU B 30 -6.35 10.70 66.64
C GLU B 30 -5.26 9.97 65.85
N VAL B 31 -5.16 10.26 64.56
CA VAL B 31 -4.16 9.60 63.71
C VAL B 31 -3.06 10.53 63.20
N TYR B 32 -1.81 10.09 63.36
CA TYR B 32 -0.64 10.83 62.93
C TYR B 32 0.11 10.06 61.85
N GLU B 33 0.71 10.80 60.93
CA GLU B 33 1.50 10.21 59.85
C GLU B 33 2.95 10.43 60.20
N GLY B 34 3.61 9.38 60.68
CA GLY B 34 5.01 9.50 61.05
C GLY B 34 5.96 8.73 60.15
N VAL B 35 7.12 8.41 60.69
CA VAL B 35 8.14 7.66 59.95
C VAL B 35 8.91 6.76 60.91
N TRP B 36 9.33 5.61 60.40
CA TRP B 36 10.08 4.64 61.17
C TRP B 36 11.55 4.84 60.82
N LYS B 37 12.38 5.13 61.82
CA LYS B 37 13.81 5.32 61.58
C LYS B 37 14.36 4.02 61.02
N LYS B 38 14.23 2.95 61.79
CA LYS B 38 14.70 1.64 61.37
C LYS B 38 13.89 1.30 60.11
N TYR B 39 14.56 0.73 59.12
CA TYR B 39 13.91 0.38 57.85
C TYR B 39 13.55 1.64 57.07
N SER B 40 13.69 2.80 57.71
CA SER B 40 13.37 4.09 57.07
C SER B 40 12.15 3.92 56.17
N LEU B 41 11.01 3.64 56.80
CA LEU B 41 9.77 3.42 56.08
C LEU B 41 8.70 4.36 56.65
N THR B 42 7.92 4.98 55.77
CA THR B 42 6.86 5.91 56.21
C THR B 42 5.67 5.09 56.72
N VAL B 43 5.05 5.53 57.81
CA VAL B 43 3.92 4.79 58.35
C VAL B 43 2.81 5.68 58.89
N ALA B 44 1.67 5.05 59.19
CA ALA B 44 0.51 5.75 59.75
C ALA B 44 0.36 5.22 61.17
N VAL B 45 0.15 6.13 62.12
CA VAL B 45 0.00 5.75 63.51
C VAL B 45 -1.27 6.25 64.18
N LYS B 46 -2.20 5.34 64.43
CA LYS B 46 -3.44 5.70 65.09
C LYS B 46 -3.13 5.70 66.59
N THR B 47 -3.74 6.62 67.32
CA THR B 47 -3.49 6.73 68.74
C THR B 47 -4.76 6.92 69.57
N LEU B 48 -4.77 6.32 70.76
CA LEU B 48 -5.92 6.45 71.66
C LEU B 48 -5.47 7.32 72.84
N LYS B 49 -6.35 8.22 73.29
CA LYS B 49 -6.04 9.08 74.40
C LYS B 49 -5.78 8.30 75.69
N GLU B 50 -5.35 8.99 76.74
CA GLU B 50 -5.05 8.34 78.02
C GLU B 50 -6.32 7.93 78.76
N ASP B 51 -7.27 8.85 78.90
CA ASP B 51 -8.54 8.52 79.55
C ASP B 51 -9.52 8.13 78.47
N THR B 52 -10.14 6.97 78.64
CA THR B 52 -11.11 6.47 77.67
C THR B 52 -11.65 5.13 78.12
N MET B 53 -12.84 4.79 77.65
CA MET B 53 -13.47 3.53 77.98
C MET B 53 -13.45 2.66 76.73
N GLU B 54 -12.65 3.09 75.77
CA GLU B 54 -12.51 2.38 74.50
C GLU B 54 -11.21 1.58 74.51
N VAL B 55 -10.52 1.63 75.65
CA VAL B 55 -9.26 0.92 75.84
C VAL B 55 -9.34 -0.55 75.46
N GLU B 56 -10.43 -1.20 75.84
CA GLU B 56 -10.61 -2.62 75.54
C GLU B 56 -10.85 -2.86 74.06
N GLU B 57 -11.72 -2.06 73.46
CA GLU B 57 -12.03 -2.18 72.05
C GLU B 57 -10.82 -1.88 71.18
N PHE B 58 -10.08 -0.83 71.54
CA PHE B 58 -8.88 -0.44 70.82
C PHE B 58 -7.92 -1.63 70.80
N LEU B 59 -7.70 -2.21 71.97
CA LEU B 59 -6.81 -3.36 72.09
C LEU B 59 -7.32 -4.53 71.24
N LYS B 60 -8.63 -4.74 71.28
CA LYS B 60 -9.27 -5.83 70.52
C LYS B 60 -9.16 -5.62 69.02
N GLU B 61 -9.25 -4.37 68.58
CA GLU B 61 -9.14 -4.04 67.17
C GLU B 61 -7.77 -4.48 66.69
N ALA B 62 -6.76 -4.26 67.53
CA ALA B 62 -5.40 -4.63 67.21
C ALA B 62 -5.18 -6.15 67.26
N ALA B 63 -5.82 -6.81 68.21
CA ALA B 63 -5.68 -8.26 68.35
C ALA B 63 -6.19 -8.95 67.09
N VAL B 64 -7.04 -8.25 66.35
CA VAL B 64 -7.59 -8.79 65.12
C VAL B 64 -6.58 -8.59 64.01
N MET B 65 -6.20 -7.34 63.79
CA MET B 65 -5.24 -6.98 62.76
C MET B 65 -4.05 -7.93 62.68
N LYS B 66 -3.66 -8.50 63.82
CA LYS B 66 -2.52 -9.41 63.89
C LYS B 66 -2.85 -10.80 63.33
N GLU B 67 -4.10 -11.01 62.93
CA GLU B 67 -4.51 -12.30 62.40
C GLU B 67 -4.74 -12.35 60.90
N ILE B 68 -5.39 -11.31 60.36
CA ILE B 68 -5.69 -11.26 58.93
C ILE B 68 -4.52 -10.74 58.11
N LYS B 69 -4.43 -11.21 56.86
CA LYS B 69 -3.35 -10.83 55.98
C LYS B 69 -3.82 -11.00 54.53
N HIS B 70 -3.92 -9.90 53.80
CA HIS B 70 -4.39 -9.93 52.41
C HIS B 70 -3.86 -8.70 51.66
N PRO B 71 -3.44 -8.86 50.39
CA PRO B 71 -2.92 -7.70 49.65
C PRO B 71 -3.82 -6.48 49.62
N ASN B 72 -5.13 -6.67 49.77
CA ASN B 72 -6.07 -5.56 49.71
C ASN B 72 -6.68 -5.14 51.06
N LEU B 73 -6.02 -5.52 52.14
CA LEU B 73 -6.45 -5.13 53.48
C LEU B 73 -5.24 -4.44 54.08
N VAL B 74 -5.39 -3.20 54.54
CA VAL B 74 -4.27 -2.47 55.13
C VAL B 74 -3.49 -3.39 56.08
N GLN B 75 -2.16 -3.41 55.92
CA GLN B 75 -1.30 -4.26 56.73
C GLN B 75 -0.87 -3.64 58.06
N LEU B 76 -0.80 -4.47 59.09
CA LEU B 76 -0.41 -4.05 60.43
C LEU B 76 1.09 -4.20 60.58
N LEU B 77 1.74 -3.15 61.08
CA LEU B 77 3.18 -3.19 61.28
C LEU B 77 3.56 -3.40 62.74
N GLY B 78 3.08 -2.55 63.63
CA GLY B 78 3.41 -2.71 65.04
C GLY B 78 2.45 -2.07 66.03
N VAL B 79 2.63 -2.37 67.31
CA VAL B 79 1.75 -1.81 68.34
C VAL B 79 2.46 -1.41 69.63
N CYS B 80 1.99 -0.32 70.23
CA CYS B 80 2.52 0.19 71.49
C CYS B 80 1.34 0.08 72.45
N THR B 81 1.30 -0.99 73.24
CA THR B 81 0.18 -1.19 74.14
C THR B 81 0.48 -1.67 75.56
N ARG B 82 1.54 -1.15 76.17
CA ARG B 82 1.86 -1.55 77.54
C ARG B 82 2.11 -0.32 78.41
N GLU B 83 2.32 0.82 77.76
CA GLU B 83 2.57 2.06 78.49
C GLU B 83 1.87 3.24 77.79
N PRO B 84 0.65 3.57 78.24
CA PRO B 84 -0.15 4.67 77.68
C PRO B 84 0.71 5.90 77.40
N PRO B 85 0.45 6.60 76.28
CA PRO B 85 -0.57 6.35 75.26
C PRO B 85 -0.31 5.15 74.35
N PHE B 86 -1.40 4.54 73.87
CA PHE B 86 -1.33 3.38 73.00
C PHE B 86 -1.24 3.76 71.51
N TYR B 87 -0.46 3.00 70.75
CA TYR B 87 -0.28 3.25 69.31
C TYR B 87 -0.64 2.01 68.48
N ILE B 88 -0.82 2.23 67.18
CA ILE B 88 -1.11 1.17 66.22
C ILE B 88 -0.40 1.57 64.94
N ILE B 89 0.54 0.74 64.49
CA ILE B 89 1.29 1.05 63.28
C ILE B 89 0.83 0.23 62.08
N THR B 90 0.43 0.95 61.02
CA THR B 90 -0.04 0.31 59.79
C THR B 90 0.62 1.02 58.62
N GLU B 91 0.89 0.29 57.55
CA GLU B 91 1.52 0.85 56.37
C GLU B 91 0.84 2.17 56.01
N PHE B 92 1.56 3.02 55.28
CA PHE B 92 1.00 4.31 54.87
C PHE B 92 0.53 4.22 53.43
N MET B 93 -0.71 4.61 53.19
CA MET B 93 -1.27 4.59 51.85
C MET B 93 -1.13 5.99 51.30
N THR B 94 -0.08 6.19 50.51
CA THR B 94 0.28 7.47 49.92
C THR B 94 -0.79 8.39 49.34
N TYR B 95 -1.92 7.84 48.90
CA TYR B 95 -2.96 8.69 48.32
C TYR B 95 -4.21 8.98 49.17
N GLY B 96 -4.19 8.60 50.45
CA GLY B 96 -5.33 8.86 51.30
C GLY B 96 -6.55 7.99 51.03
N ASN B 97 -7.71 8.39 51.57
CA ASN B 97 -8.94 7.62 51.41
C ASN B 97 -9.52 7.70 50.00
N LEU B 98 -10.25 6.66 49.62
CA LEU B 98 -10.87 6.53 48.31
C LEU B 98 -11.94 7.56 47.97
N LEU B 99 -12.59 8.11 48.99
CA LEU B 99 -13.64 9.11 48.75
C LEU B 99 -13.07 10.40 48.19
N ASP B 100 -12.13 10.99 48.90
CA ASP B 100 -11.51 12.22 48.43
C ASP B 100 -10.84 11.97 47.08
N TYR B 101 -10.08 10.87 47.02
CA TYR B 101 -9.37 10.49 45.81
C TYR B 101 -10.22 10.59 44.55
N LEU B 102 -11.41 9.99 44.60
CA LEU B 102 -12.30 10.00 43.45
C LEU B 102 -12.89 11.36 43.12
N ARG B 103 -12.96 12.22 44.12
CA ARG B 103 -13.54 13.55 43.90
C ARG B 103 -12.60 14.56 43.29
N GLU B 104 -11.30 14.36 43.49
CA GLU B 104 -10.28 15.29 42.98
C GLU B 104 -9.44 14.69 41.85
N CYS B 105 -9.76 13.47 41.43
CA CYS B 105 -8.98 12.80 40.39
C CYS B 105 -9.34 13.22 38.97
N ASN B 106 -8.50 12.81 38.02
CA ASN B 106 -8.68 13.07 36.58
C ASN B 106 -9.45 11.87 36.03
N ARG B 107 -10.67 12.08 35.58
CA ARG B 107 -11.49 10.99 35.07
C ARG B 107 -11.12 10.37 33.73
N GLN B 108 -9.94 10.72 33.21
CA GLN B 108 -9.47 10.13 31.95
C GLN B 108 -8.46 9.06 32.32
N GLU B 109 -7.74 9.33 33.41
CA GLU B 109 -6.79 8.39 33.97
C GLU B 109 -7.69 7.36 34.65
N VAL B 110 -8.39 7.79 35.70
CA VAL B 110 -9.31 6.92 36.42
C VAL B 110 -10.55 6.69 35.53
N ASN B 111 -10.38 5.93 34.45
CA ASN B 111 -11.48 5.67 33.51
C ASN B 111 -12.42 4.56 34.00
N ALA B 112 -13.20 4.00 33.06
CA ALA B 112 -14.15 2.95 33.38
C ALA B 112 -13.51 1.64 33.82
N VAL B 113 -12.41 1.25 33.15
CA VAL B 113 -11.73 0.01 33.50
C VAL B 113 -11.00 0.16 34.84
N VAL B 114 -10.70 1.39 35.21
CA VAL B 114 -10.04 1.63 36.47
C VAL B 114 -11.04 1.49 37.61
N LEU B 115 -12.27 1.93 37.41
CA LEU B 115 -13.31 1.83 38.43
C LEU B 115 -13.73 0.38 38.60
N LEU B 116 -13.58 -0.40 37.53
CA LEU B 116 -13.93 -1.82 37.54
C LEU B 116 -12.84 -2.53 38.33
N TYR B 117 -11.62 -2.06 38.12
CA TYR B 117 -10.45 -2.59 38.76
C TYR B 117 -10.59 -2.44 40.28
N MET B 118 -10.80 -1.21 40.74
CA MET B 118 -10.96 -0.94 42.16
C MET B 118 -12.03 -1.83 42.78
N ALA B 119 -13.11 -2.04 42.05
CA ALA B 119 -14.20 -2.88 42.54
C ALA B 119 -13.69 -4.30 42.70
N THR B 120 -12.90 -4.78 41.74
CA THR B 120 -12.40 -6.15 41.83
C THR B 120 -11.53 -6.35 43.07
N GLN B 121 -10.70 -5.35 43.39
CA GLN B 121 -9.84 -5.45 44.56
C GLN B 121 -10.67 -5.48 45.85
N ILE B 122 -11.68 -4.63 45.94
CA ILE B 122 -12.53 -4.58 47.12
C ILE B 122 -13.26 -5.94 47.32
N SER B 123 -13.88 -6.44 46.27
CA SER B 123 -14.59 -7.70 46.37
C SER B 123 -13.62 -8.83 46.68
N SER B 124 -12.36 -8.64 46.33
CA SER B 124 -11.37 -9.67 46.61
C SER B 124 -11.15 -9.78 48.11
N ALA B 125 -10.93 -8.64 48.75
CA ALA B 125 -10.71 -8.58 50.19
C ALA B 125 -11.94 -9.08 50.95
N MET B 126 -13.12 -8.70 50.48
CA MET B 126 -14.36 -9.09 51.12
C MET B 126 -14.61 -10.58 51.00
N GLU B 127 -14.10 -11.20 49.95
CA GLU B 127 -14.30 -12.62 49.79
C GLU B 127 -13.37 -13.34 50.74
N TYR B 128 -12.23 -12.72 51.02
CA TYR B 128 -11.27 -13.29 51.94
C TYR B 128 -11.94 -13.35 53.32
N LEU B 129 -12.50 -12.21 53.74
CA LEU B 129 -13.18 -12.10 55.03
C LEU B 129 -14.38 -13.06 55.12
N GLU B 130 -15.14 -13.16 54.04
CA GLU B 130 -16.29 -14.05 53.99
C GLU B 130 -15.85 -15.49 54.35
N LYS B 131 -14.66 -15.89 53.91
CA LYS B 131 -14.10 -17.23 54.20
C LYS B 131 -13.61 -17.34 55.64
N LYS B 132 -12.93 -16.31 56.10
CA LYS B 132 -12.38 -16.25 57.44
C LYS B 132 -13.45 -16.05 58.49
N ASN B 133 -14.70 -15.89 58.05
CA ASN B 133 -15.80 -15.67 58.98
C ASN B 133 -15.70 -14.36 59.78
N PHE B 134 -15.40 -13.29 59.06
CA PHE B 134 -15.30 -11.95 59.61
C PHE B 134 -16.38 -11.12 58.91
N ILE B 135 -16.77 -10.00 59.49
CA ILE B 135 -17.72 -9.11 58.83
C ILE B 135 -17.16 -7.72 59.03
N HIS B 136 -17.51 -6.78 58.14
CA HIS B 136 -17.01 -5.41 58.26
C HIS B 136 -18.16 -4.48 58.60
N ARG B 137 -18.10 -3.89 59.79
CA ARG B 137 -19.15 -3.01 60.24
C ARG B 137 -19.18 -1.65 59.56
N ASP B 138 -18.27 -1.39 58.64
CA ASP B 138 -18.27 -0.08 57.99
C ASP B 138 -17.61 -0.03 56.62
N LEU B 139 -18.20 -0.75 55.68
CA LEU B 139 -17.69 -0.79 54.33
C LEU B 139 -18.24 0.43 53.60
N ALA B 140 -17.34 1.33 53.21
CA ALA B 140 -17.69 2.55 52.51
C ALA B 140 -16.44 3.18 51.91
N ALA B 141 -16.60 3.93 50.83
CA ALA B 141 -15.48 4.57 50.17
C ALA B 141 -14.55 5.30 51.15
N ARG B 142 -15.13 5.93 52.18
CA ARG B 142 -14.34 6.65 53.17
C ARG B 142 -13.39 5.74 53.95
N ASN B 143 -13.69 4.44 53.96
CA ASN B 143 -12.85 3.47 54.67
C ASN B 143 -12.05 2.59 53.72
N CYS B 144 -11.60 3.17 52.63
CA CYS B 144 -10.80 2.46 51.65
C CYS B 144 -9.65 3.35 51.24
N LEU B 145 -8.43 2.85 51.38
CA LEU B 145 -7.25 3.64 51.02
C LEU B 145 -6.77 3.36 49.61
N VAL B 146 -6.14 4.36 49.01
CA VAL B 146 -5.60 4.23 47.66
C VAL B 146 -4.09 4.34 47.66
N GLY B 147 -3.44 3.40 46.99
CA GLY B 147 -1.99 3.41 46.91
C GLY B 147 -1.54 3.92 45.55
N GLU B 148 -0.44 3.39 45.04
CA GLU B 148 0.04 3.83 43.74
C GLU B 148 -0.48 2.88 42.67
N ASN B 149 -0.65 3.38 41.46
CA ASN B 149 -1.15 2.56 40.38
C ASN B 149 -2.54 2.02 40.70
N HIS B 150 -3.36 2.88 41.29
CA HIS B 150 -4.72 2.50 41.63
C HIS B 150 -4.86 1.26 42.51
N LEU B 151 -3.92 1.10 43.44
CA LEU B 151 -3.98 -0.03 44.36
C LEU B 151 -4.98 0.45 45.40
N VAL B 152 -5.79 -0.46 45.91
CA VAL B 152 -6.79 -0.08 46.89
C VAL B 152 -6.84 -1.11 48.02
N LYS B 153 -7.07 -0.63 49.24
CA LYS B 153 -7.16 -1.52 50.38
C LYS B 153 -8.24 -1.06 51.35
N VAL B 154 -8.83 -2.02 52.04
CA VAL B 154 -9.87 -1.75 53.03
C VAL B 154 -9.18 -1.66 54.39
N ALA B 155 -9.57 -0.69 55.20
CA ALA B 155 -8.96 -0.53 56.52
C ALA B 155 -9.51 -1.66 57.40
N ASP B 156 -8.73 -2.08 58.40
CA ASP B 156 -9.18 -3.16 59.29
C ASP B 156 -10.15 -2.61 60.32
N PHE B 157 -9.95 -1.34 60.68
CA PHE B 157 -10.79 -0.60 61.62
C PHE B 157 -12.01 -1.36 62.16
N GLY B 158 -13.03 -1.51 61.30
CA GLY B 158 -14.26 -2.17 61.71
C GLY B 158 -14.45 -3.67 61.54
N LEU B 159 -13.38 -4.44 61.49
CA LEU B 159 -13.52 -5.89 61.36
C LEU B 159 -14.04 -6.46 62.66
N SER B 160 -14.59 -7.67 62.60
CA SER B 160 -15.13 -8.35 63.78
C SER B 160 -15.13 -9.83 63.51
N ARG B 161 -14.83 -10.65 64.51
CA ARG B 161 -14.82 -12.09 64.31
C ARG B 161 -16.14 -12.69 64.80
N LEU B 162 -16.80 -13.44 63.94
CA LEU B 162 -18.06 -14.11 64.27
C LEU B 162 -17.73 -15.40 65.00
N MET B 163 -17.93 -15.41 66.31
CA MET B 163 -17.62 -16.58 67.11
C MET B 163 -18.54 -17.79 66.99
N THR B 164 -19.83 -17.59 66.77
CA THR B 164 -20.75 -18.73 66.67
C THR B 164 -21.69 -18.77 65.48
N GLY B 165 -22.46 -17.70 65.27
CA GLY B 165 -23.39 -17.72 64.17
C GLY B 165 -22.88 -17.24 62.82
N ASP B 166 -23.64 -16.32 62.24
CA ASP B 166 -23.27 -15.75 60.96
C ASP B 166 -23.72 -14.32 61.04
N THR B 167 -24.21 -13.92 62.21
CA THR B 167 -24.66 -12.56 62.41
C THR B 167 -24.01 -11.98 63.65
N TYR B 168 -23.70 -10.69 63.58
CA TYR B 168 -23.06 -9.99 64.67
C TYR B 168 -24.02 -8.93 65.17
N THR B 169 -24.26 -8.91 66.46
CA THR B 169 -25.16 -7.93 67.08
C THR B 169 -24.32 -6.76 67.60
N ALA B 170 -24.78 -5.54 67.35
CA ALA B 170 -24.06 -4.35 67.80
C ALA B 170 -24.57 -3.83 69.14
N PRO B 171 -23.68 -3.21 69.94
CA PRO B 171 -24.00 -2.65 71.26
C PRO B 171 -25.26 -1.79 71.33
N ALA B 172 -25.87 -1.79 72.52
CA ALA B 172 -27.09 -1.05 72.84
C ALA B 172 -27.77 -0.27 71.71
N GLY B 173 -27.46 1.03 71.61
CA GLY B 173 -28.06 1.85 70.58
C GLY B 173 -27.07 2.36 69.56
N ALA B 174 -25.85 1.81 69.59
CA ALA B 174 -24.79 2.19 68.66
C ALA B 174 -25.39 2.70 67.35
N LYS B 175 -25.11 3.95 67.01
CA LYS B 175 -25.63 4.52 65.79
C LYS B 175 -24.74 4.18 64.60
N PHE B 176 -25.36 3.97 63.45
CA PHE B 176 -24.61 3.64 62.25
C PHE B 176 -25.09 4.45 61.06
N PRO B 177 -24.21 4.62 60.05
CA PRO B 177 -24.54 5.37 58.83
C PRO B 177 -25.74 4.76 58.11
N ILE B 178 -26.88 5.42 58.23
CA ILE B 178 -28.11 4.95 57.62
C ILE B 178 -28.02 4.62 56.14
N LYS B 179 -27.51 5.55 55.34
CA LYS B 179 -27.41 5.35 53.91
C LYS B 179 -26.57 4.17 53.40
N TRP B 180 -25.73 3.58 54.25
CA TRP B 180 -24.92 2.44 53.87
C TRP B 180 -25.39 1.14 54.51
N THR B 181 -26.22 1.26 55.53
CA THR B 181 -26.71 0.11 56.29
C THR B 181 -27.92 -0.63 55.70
N ALA B 182 -27.80 -1.95 55.66
CA ALA B 182 -28.86 -2.80 55.13
C ALA B 182 -30.12 -2.75 55.99
N PRO B 183 -31.26 -3.16 55.40
CA PRO B 183 -32.57 -3.18 56.07
C PRO B 183 -32.54 -3.86 57.44
N GLU B 184 -32.21 -5.15 57.45
CA GLU B 184 -32.16 -5.93 58.68
C GLU B 184 -31.28 -5.31 59.75
N SER B 185 -30.19 -4.67 59.34
CA SER B 185 -29.31 -4.06 60.30
C SER B 185 -29.99 -2.84 60.92
N LEU B 186 -30.70 -2.08 60.09
CA LEU B 186 -31.39 -0.89 60.59
C LEU B 186 -32.57 -1.30 61.49
N ALA B 187 -33.31 -2.31 61.06
CA ALA B 187 -34.47 -2.79 61.79
C ALA B 187 -34.19 -3.69 63.00
N TYR B 188 -33.01 -4.33 63.06
CA TYR B 188 -32.70 -5.24 64.17
C TYR B 188 -31.29 -5.13 64.77
N ASN B 189 -30.45 -4.24 64.22
CA ASN B 189 -29.07 -4.08 64.71
C ASN B 189 -28.25 -5.37 64.58
N LYS B 190 -28.46 -6.10 63.49
CA LYS B 190 -27.74 -7.35 63.24
C LYS B 190 -27.05 -7.38 61.87
N PHE B 191 -25.75 -7.63 61.88
CA PHE B 191 -24.96 -7.67 60.66
C PHE B 191 -24.48 -9.05 60.26
N SER B 192 -24.64 -9.39 59.00
CA SER B 192 -24.18 -10.66 58.49
C SER B 192 -23.28 -10.31 57.32
N ILE B 193 -22.75 -11.32 56.64
CA ILE B 193 -21.90 -11.05 55.50
C ILE B 193 -22.74 -10.44 54.37
N LYS B 194 -24.05 -10.69 54.39
CA LYS B 194 -24.97 -10.16 53.41
C LYS B 194 -25.27 -8.69 53.68
N SER B 195 -25.05 -8.27 54.91
CA SER B 195 -25.27 -6.87 55.27
C SER B 195 -24.16 -6.09 54.57
N ASP B 196 -22.99 -6.71 54.47
CA ASP B 196 -21.83 -6.13 53.81
C ASP B 196 -22.06 -6.08 52.31
N VAL B 197 -22.62 -7.15 51.76
CA VAL B 197 -22.92 -7.19 50.33
C VAL B 197 -23.78 -5.97 50.00
N TRP B 198 -24.71 -5.64 50.88
CA TRP B 198 -25.57 -4.50 50.68
C TRP B 198 -24.75 -3.21 50.64
N ALA B 199 -23.90 -3.01 51.65
CA ALA B 199 -23.06 -1.82 51.71
C ALA B 199 -22.09 -1.76 50.52
N PHE B 200 -21.73 -2.93 49.99
CA PHE B 200 -20.83 -3.00 48.86
C PHE B 200 -21.51 -2.33 47.68
N GLY B 201 -22.76 -2.69 47.47
CA GLY B 201 -23.51 -2.11 46.38
C GLY B 201 -23.54 -0.60 46.43
N VAL B 202 -23.59 -0.06 47.65
CA VAL B 202 -23.63 1.39 47.83
C VAL B 202 -22.24 1.96 47.54
N LEU B 203 -21.21 1.20 47.88
CA LEU B 203 -19.84 1.63 47.63
C LEU B 203 -19.66 1.76 46.13
N LEU B 204 -20.15 0.76 45.40
CA LEU B 204 -20.10 0.76 43.94
C LEU B 204 -20.69 2.06 43.43
N TRP B 205 -21.90 2.35 43.89
CA TRP B 205 -22.60 3.55 43.50
C TRP B 205 -21.70 4.78 43.73
N GLU B 206 -20.99 4.83 44.86
CA GLU B 206 -20.09 5.96 45.16
C GLU B 206 -19.00 6.03 44.09
N ILE B 207 -18.45 4.87 43.76
CA ILE B 207 -17.43 4.76 42.74
C ILE B 207 -17.97 5.32 41.41
N ALA B 208 -19.09 4.79 40.94
CA ALA B 208 -19.66 5.22 39.65
C ALA B 208 -20.13 6.68 39.55
N THR B 209 -20.01 7.44 40.62
CA THR B 209 -20.46 8.83 40.60
C THR B 209 -19.30 9.72 40.99
N TYR B 210 -18.16 9.06 41.20
CA TYR B 210 -16.93 9.74 41.59
C TYR B 210 -17.08 10.41 42.94
N GLY B 211 -17.74 9.71 43.86
CA GLY B 211 -17.89 10.22 45.22
C GLY B 211 -19.10 11.06 45.59
N MET B 212 -20.24 10.82 44.95
CA MET B 212 -21.41 11.58 45.33
C MET B 212 -21.97 10.96 46.59
N SER B 213 -22.58 11.77 47.43
CA SER B 213 -23.17 11.27 48.65
C SER B 213 -24.38 10.47 48.22
N PRO B 214 -24.63 9.30 48.82
CA PRO B 214 -25.77 8.47 48.46
C PRO B 214 -27.13 9.12 48.76
N TYR B 215 -28.16 8.72 48.01
CA TYR B 215 -29.51 9.25 48.20
C TYR B 215 -29.54 10.76 48.34
N PRO B 216 -28.86 11.48 47.42
CA PRO B 216 -28.83 12.95 47.49
C PRO B 216 -30.24 13.53 47.56
N GLY B 217 -30.49 14.33 48.58
CA GLY B 217 -31.80 14.95 48.70
C GLY B 217 -32.76 14.22 49.61
N ILE B 218 -32.64 12.89 49.67
CA ILE B 218 -33.52 12.08 50.52
C ILE B 218 -33.29 12.40 51.98
N ASP B 219 -34.35 12.36 52.77
CA ASP B 219 -34.25 12.64 54.20
C ASP B 219 -34.04 11.32 54.96
N LEU B 220 -33.07 11.30 55.88
CA LEU B 220 -32.77 10.09 56.65
C LEU B 220 -33.95 9.24 57.12
N SER B 221 -34.90 9.86 57.81
CA SER B 221 -36.04 9.14 58.34
C SER B 221 -36.87 8.43 57.29
N GLN B 222 -36.72 8.86 56.05
CA GLN B 222 -37.49 8.28 54.95
C GLN B 222 -36.84 7.06 54.30
N VAL B 223 -35.52 6.95 54.43
CA VAL B 223 -34.80 5.84 53.81
C VAL B 223 -35.38 4.43 54.03
N TYR B 224 -35.62 4.06 55.29
CA TYR B 224 -36.14 2.73 55.54
C TYR B 224 -37.44 2.46 54.82
N GLU B 225 -38.42 3.37 54.95
CA GLU B 225 -39.71 3.15 54.32
C GLU B 225 -39.61 3.09 52.80
N LEU B 226 -38.88 4.05 52.22
CA LEU B 226 -38.67 4.08 50.78
C LEU B 226 -38.06 2.76 50.33
N LEU B 227 -37.04 2.29 51.05
CA LEU B 227 -36.37 1.02 50.74
C LEU B 227 -37.34 -0.15 50.79
N GLU B 228 -38.20 -0.10 51.81
CA GLU B 228 -39.21 -1.12 52.06
C GLU B 228 -40.24 -1.16 50.94
N LYS B 229 -40.58 0.01 50.40
CA LYS B 229 -41.55 0.14 49.31
C LYS B 229 -40.87 -0.08 47.96
N ASP B 230 -39.63 -0.55 47.98
CA ASP B 230 -38.87 -0.86 46.77
C ASP B 230 -38.19 0.28 46.02
N TYR B 231 -37.80 1.33 46.73
CA TYR B 231 -37.09 2.42 46.09
C TYR B 231 -35.59 2.07 46.17
N ARG B 232 -34.87 2.40 45.11
CA ARG B 232 -33.44 2.13 45.04
C ARG B 232 -32.83 3.24 44.17
N MET B 233 -31.60 3.65 44.45
CA MET B 233 -30.97 4.70 43.64
C MET B 233 -30.92 4.22 42.22
N GLU B 234 -31.00 5.13 41.26
CA GLU B 234 -30.94 4.69 39.88
C GLU B 234 -29.54 4.66 39.28
N ARG B 235 -29.44 4.01 38.13
CA ARG B 235 -28.19 3.85 37.40
C ARG B 235 -27.47 5.19 37.21
N PRO B 236 -26.29 5.34 37.80
CA PRO B 236 -25.58 6.62 37.64
C PRO B 236 -25.22 6.81 36.16
N GLU B 237 -24.92 8.04 35.76
CA GLU B 237 -24.57 8.29 34.37
C GLU B 237 -23.19 7.71 34.09
N GLY B 238 -23.08 7.01 32.96
CA GLY B 238 -21.81 6.41 32.57
C GLY B 238 -21.68 4.97 33.01
N CYS B 239 -22.28 4.64 34.15
CA CYS B 239 -22.21 3.29 34.71
C CYS B 239 -22.73 2.22 33.76
N PRO B 240 -21.91 1.23 33.42
CA PRO B 240 -22.42 0.19 32.53
C PRO B 240 -23.54 -0.59 33.20
N GLU B 241 -24.43 -1.14 32.39
CA GLU B 241 -25.55 -1.89 32.90
C GLU B 241 -25.17 -3.06 33.80
N LYS B 242 -24.32 -3.94 33.30
CA LYS B 242 -23.92 -5.10 34.09
C LYS B 242 -23.51 -4.71 35.50
N VAL B 243 -22.73 -3.64 35.63
CA VAL B 243 -22.30 -3.15 36.92
C VAL B 243 -23.49 -2.73 37.78
N TYR B 244 -24.48 -2.10 37.13
CA TYR B 244 -25.66 -1.63 37.85
C TYR B 244 -26.59 -2.79 38.16
N GLU B 245 -26.49 -3.84 37.37
CA GLU B 245 -27.31 -5.03 37.55
C GLU B 245 -26.83 -5.73 38.81
N LEU B 246 -25.54 -5.66 39.06
CA LEU B 246 -24.96 -6.30 40.22
C LEU B 246 -25.20 -5.44 41.44
N MET B 247 -25.34 -4.15 41.21
CA MET B 247 -25.60 -3.21 42.30
C MET B 247 -27.02 -3.51 42.79
N ARG B 248 -27.88 -3.90 41.86
CA ARG B 248 -29.25 -4.22 42.20
C ARG B 248 -29.34 -5.51 42.96
N ALA B 249 -28.61 -6.51 42.49
CA ALA B 249 -28.61 -7.81 43.16
C ALA B 249 -28.20 -7.66 44.61
N CYS B 250 -27.27 -6.73 44.86
CA CYS B 250 -26.79 -6.51 46.22
C CYS B 250 -27.85 -5.87 47.07
N TRP B 251 -28.71 -5.08 46.45
CA TRP B 251 -29.74 -4.40 47.20
C TRP B 251 -31.04 -5.21 47.33
N GLN B 252 -30.97 -6.52 47.16
CA GLN B 252 -32.15 -7.36 47.32
C GLN B 252 -32.62 -7.20 48.77
N TRP B 253 -33.92 -6.99 48.95
CA TRP B 253 -34.49 -6.80 50.29
C TRP B 253 -34.17 -7.96 51.22
N ASN B 254 -34.40 -9.18 50.77
CA ASN B 254 -34.11 -10.35 51.59
C ASN B 254 -32.63 -10.69 51.40
N PRO B 255 -31.82 -10.59 52.49
CA PRO B 255 -30.38 -10.88 52.43
C PRO B 255 -30.00 -12.19 51.76
N SER B 256 -30.75 -13.25 52.01
CA SER B 256 -30.43 -14.53 51.40
C SER B 256 -30.54 -14.48 49.88
N ASP B 257 -31.16 -13.43 49.35
CA ASP B 257 -31.32 -13.27 47.90
C ASP B 257 -30.16 -12.51 47.29
N ARG B 258 -29.36 -11.88 48.14
CA ARG B 258 -28.21 -11.14 47.67
C ARG B 258 -27.12 -12.14 47.35
N PRO B 259 -26.28 -11.84 46.35
CA PRO B 259 -25.20 -12.76 46.00
C PRO B 259 -24.09 -12.71 47.04
N SER B 260 -23.26 -13.73 47.08
CA SER B 260 -22.14 -13.75 48.02
C SER B 260 -20.99 -12.99 47.38
N PHE B 261 -19.91 -12.79 48.13
CA PHE B 261 -18.78 -12.09 47.59
C PHE B 261 -18.04 -12.97 46.58
N ALA B 262 -18.11 -14.29 46.78
CA ALA B 262 -17.46 -15.22 45.86
C ALA B 262 -17.99 -14.92 44.46
N GLU B 263 -19.31 -14.86 44.36
CA GLU B 263 -19.96 -14.58 43.08
C GLU B 263 -19.66 -13.15 42.60
N ILE B 264 -19.65 -12.19 43.52
CA ILE B 264 -19.39 -10.82 43.18
C ILE B 264 -18.03 -10.69 42.52
N HIS B 265 -17.01 -11.18 43.22
CA HIS B 265 -15.64 -11.12 42.74
C HIS B 265 -15.52 -11.80 41.37
N GLN B 266 -15.99 -13.03 41.30
CA GLN B 266 -15.98 -13.79 40.05
C GLN B 266 -16.53 -12.93 38.92
N ALA B 267 -17.71 -12.33 39.14
CA ALA B 267 -18.35 -11.49 38.15
C ALA B 267 -17.51 -10.28 37.74
N PHE B 268 -16.87 -9.63 38.71
CA PHE B 268 -16.06 -8.47 38.42
C PHE B 268 -14.71 -8.78 37.79
N GLU B 269 -14.21 -9.99 37.99
CA GLU B 269 -12.92 -10.35 37.41
C GLU B 269 -13.13 -10.53 35.93
N THR B 270 -14.20 -11.25 35.57
CA THR B 270 -14.54 -11.51 34.19
C THR B 270 -14.70 -10.21 33.41
N MET B 271 -15.44 -9.27 33.97
CA MET B 271 -15.67 -7.99 33.29
C MET B 271 -14.38 -7.21 33.14
N PHE B 272 -13.57 -7.21 34.18
CA PHE B 272 -12.31 -6.51 34.19
C PHE B 272 -11.31 -7.13 33.23
N GLN B 273 -11.17 -8.46 33.30
CA GLN B 273 -10.24 -9.20 32.47
C GLN B 273 -10.46 -9.12 30.97
N GLU B 274 -11.67 -8.84 30.53
CA GLU B 274 -11.94 -8.76 29.11
C GLU B 274 -12.28 -7.35 28.67
N SER B 275 -11.87 -6.37 29.47
CA SER B 275 -12.14 -4.99 29.17
C SER B 275 -10.90 -4.27 28.63
N SER B 276 -11.09 -3.28 27.77
CA SER B 276 -9.98 -2.51 27.22
C SER B 276 -9.69 -1.27 28.05
N ILE B 277 -9.45 -0.16 27.36
CA ILE B 277 -9.21 1.10 28.03
C ILE B 277 -9.74 2.24 27.16
N GLU C 1 -6.18 -2.41 -45.13
CA GLU C 1 -5.39 -3.65 -45.44
C GLU C 1 -4.80 -4.26 -44.16
N ALA C 2 -3.76 -3.60 -43.62
CA ALA C 2 -3.04 -3.99 -42.40
C ALA C 2 -1.59 -4.40 -42.72
N ILE C 3 -0.65 -3.48 -42.49
CA ILE C 3 0.76 -3.71 -42.75
C ILE C 3 1.71 -3.78 -41.56
N PHE C 4 1.67 -2.79 -40.67
CA PHE C 4 2.56 -2.77 -39.50
C PHE C 4 1.98 -3.41 -38.25
N ALA C 5 2.79 -4.17 -37.52
CA ALA C 5 2.34 -4.82 -36.30
C ALA C 5 3.51 -5.25 -35.42
N ALA C 6 3.21 -5.53 -34.15
CA ALA C 6 4.23 -5.95 -33.19
C ALA C 6 4.32 -7.47 -33.21
N PRO C 7 5.52 -8.03 -33.41
CA PRO C 7 5.71 -9.48 -33.44
C PRO C 7 4.92 -10.22 -32.37
N PHE C 8 4.65 -11.49 -32.64
CA PHE C 8 3.86 -12.35 -31.74
C PHE C 8 4.73 -13.39 -31.02
#